data_3TUO
#
_entry.id   3TUO
#
_cell.length_a   35.895
_cell.length_b   71.027
_cell.length_c   153.763
_cell.angle_alpha   90.00
_cell.angle_beta   90.00
_cell.angle_gamma   90.00
#
_symmetry.space_group_name_H-M   'P 21 21 21'
#
loop_
_entity.id
_entity.type
_entity.pdbx_description
1 polymer 'DNA-binding protein SATB1'
2 water water
#
_entity_poly.entity_id   1
_entity_poly.type   'polypeptide(L)'
_entity_poly.pdbx_seq_one_letter_code
;GPGSGTMLPVFCVVEHYENAIEYDCKEEHAEFVLVRKDMLFNQLIEMALLSLGYSHSSAAQAKGLIQVGKWNPVPLSYVT
DAPDATVADMLQDVYHVVTLKIQLH
;
_entity_poly.pdbx_strand_id   A,B,C,D
#
# COMPACT_ATOMS: atom_id res chain seq x y z
N PRO A 2 -20.95 -3.13 6.33
CA PRO A 2 -20.86 -2.73 4.93
C PRO A 2 -20.17 -3.79 4.09
N GLY A 3 -19.57 -3.36 2.99
CA GLY A 3 -18.77 -4.23 2.15
C GLY A 3 -17.37 -3.63 2.02
N SER A 4 -17.32 -2.33 1.79
CA SER A 4 -16.06 -1.61 1.65
C SER A 4 -15.88 -0.58 2.75
N GLY A 5 -16.91 -0.40 3.58
CA GLY A 5 -16.89 0.61 4.62
C GLY A 5 -17.36 1.95 4.11
N THR A 6 -17.67 2.87 5.02
CA THR A 6 -18.08 4.22 4.63
C THR A 6 -16.95 5.22 4.80
N MET A 7 -15.90 4.83 5.53
CA MET A 7 -14.80 5.72 5.83
C MET A 7 -13.54 5.36 5.04
N LEU A 8 -12.63 6.32 4.92
CA LEU A 8 -11.32 6.08 4.36
C LEU A 8 -10.27 6.74 5.25
N PRO A 9 -9.13 6.08 5.48
CA PRO A 9 -8.09 6.72 6.27
C PRO A 9 -7.31 7.69 5.41
N VAL A 10 -6.98 8.85 5.96
CA VAL A 10 -6.13 9.80 5.27
C VAL A 10 -5.03 10.20 6.23
N PHE A 11 -3.78 10.10 5.78
CA PHE A 11 -2.65 10.47 6.63
C PHE A 11 -2.33 11.95 6.48
N CYS A 12 -2.32 12.67 7.60
CA CYS A 12 -2.14 14.13 7.59
C CYS A 12 -0.93 14.53 8.39
N VAL A 13 -0.26 15.59 7.93
CA VAL A 13 0.77 16.23 8.71
C VAL A 13 0.38 17.70 8.80
N VAL A 14 0.05 18.14 10.00
CA VAL A 14 -0.48 19.50 10.18
C VAL A 14 0.60 20.37 10.77
N GLU A 15 0.97 21.40 10.03
CA GLU A 15 2.01 22.32 10.48
C GLU A 15 1.38 23.56 11.10
N HIS A 16 1.89 23.95 12.26
CA HIS A 16 1.41 25.16 12.91
C HIS A 16 2.48 25.72 13.82
N TYR A 17 2.48 27.04 13.97
CA TYR A 17 3.42 27.68 14.87
C TYR A 17 2.86 27.74 16.28
N GLU A 18 3.57 27.12 17.21
CA GLU A 18 3.13 27.06 18.60
C GLU A 18 3.34 28.41 19.26
N ASN A 19 2.26 29.16 19.40
CA ASN A 19 2.33 30.49 20.01
C ASN A 19 3.12 30.49 21.31
N ALA A 20 4.38 30.89 21.23
CA ALA A 20 5.20 31.11 22.41
C ALA A 20 5.71 32.54 22.37
N ILE A 21 5.55 33.26 23.48
CA ILE A 21 6.02 34.64 23.56
C ILE A 21 7.54 34.67 23.40
N GLU A 22 8.19 33.59 23.81
CA GLU A 22 9.64 33.52 23.83
C GLU A 22 10.27 33.23 22.46
N TYR A 23 9.56 32.51 21.60
CA TYR A 23 10.15 32.11 20.33
C TYR A 23 9.20 31.36 19.40
N ASP A 24 9.60 31.24 18.14
CA ASP A 24 8.81 30.56 17.12
C ASP A 24 9.18 29.07 17.06
N CYS A 25 8.17 28.20 17.22
CA CYS A 25 8.32 26.76 17.09
C CYS A 25 7.45 26.23 15.96
N LYS A 26 8.07 25.64 14.94
CA LYS A 26 7.32 25.13 13.80
C LYS A 26 6.92 23.68 14.05
N GLU A 27 5.75 23.50 14.63
CA GLU A 27 5.31 22.17 15.02
C GLU A 27 4.69 21.41 13.86
N GLU A 28 4.94 20.10 13.82
CA GLU A 28 4.31 19.22 12.84
C GLU A 28 3.61 18.11 13.60
N HIS A 29 2.29 18.00 13.41
CA HIS A 29 1.54 16.91 14.02
C HIS A 29 1.07 15.94 12.95
N ALA A 30 1.60 14.72 12.99
CA ALA A 30 1.24 13.70 12.01
C ALA A 30 0.23 12.74 12.63
N GLU A 31 -0.82 12.45 11.88
CA GLU A 31 -1.81 11.49 12.35
C GLU A 31 -2.73 11.02 11.24
N PHE A 32 -3.22 9.80 11.35
CA PHE A 32 -4.28 9.33 10.48
C PHE A 32 -5.60 9.87 10.98
N VAL A 33 -6.52 10.10 10.04
CA VAL A 33 -7.88 10.46 10.40
C VAL A 33 -8.80 9.73 9.44
N LEU A 34 -9.98 9.33 9.91
CA LEU A 34 -10.96 8.71 9.05
C LEU A 34 -11.91 9.77 8.53
N VAL A 35 -12.14 9.78 7.22
CA VAL A 35 -13.13 10.67 6.63
C VAL A 35 -14.10 9.88 5.77
N ARG A 36 -15.30 10.43 5.58
CA ARG A 36 -16.30 9.80 4.73
C ARG A 36 -15.80 9.65 3.30
N LYS A 37 -15.94 8.44 2.76
CA LYS A 37 -15.55 8.14 1.38
C LYS A 37 -16.27 9.03 0.38
N ASP A 38 -17.53 9.32 0.67
CA ASP A 38 -18.36 10.04 -0.29
C ASP A 38 -18.29 11.56 -0.15
N MET A 39 -17.44 12.03 0.76
CA MET A 39 -17.19 13.47 0.89
C MET A 39 -16.55 13.99 -0.39
N LEU A 40 -16.90 15.21 -0.80
CA LEU A 40 -16.23 15.81 -1.94
C LEU A 40 -14.72 16.01 -1.69
N PHE A 41 -13.91 15.64 -2.67
CA PHE A 41 -12.46 15.76 -2.52
C PHE A 41 -12.04 17.19 -2.21
N ASN A 42 -12.77 18.16 -2.75
CA ASN A 42 -12.43 19.56 -2.49
C ASN A 42 -12.84 20.04 -1.10
N GLN A 43 -13.39 19.14 -0.29
CA GLN A 43 -13.74 19.42 1.10
C GLN A 43 -12.73 18.80 2.06
N LEU A 44 -11.75 18.08 1.51
CA LEU A 44 -10.92 17.21 2.32
C LEU A 44 -10.10 17.93 3.39
N ILE A 45 -9.43 19.02 3.03
CA ILE A 45 -8.58 19.72 4.00
C ILE A 45 -9.38 20.15 5.23
N GLU A 46 -10.49 20.82 4.99
CA GLU A 46 -11.31 21.34 6.09
C GLU A 46 -11.85 20.20 6.94
N MET A 47 -12.38 19.16 6.31
CA MET A 47 -12.98 18.07 7.05
C MET A 47 -11.95 17.20 7.76
N ALA A 48 -10.76 17.04 7.17
CA ALA A 48 -9.70 16.30 7.83
C ALA A 48 -9.35 17.01 9.14
N LEU A 49 -9.19 18.32 9.05
CA LEU A 49 -8.85 19.12 10.22
C LEU A 49 -9.93 19.04 11.30
N LEU A 50 -11.18 19.14 10.88
CA LEU A 50 -12.29 19.08 11.84
C LEU A 50 -12.32 17.72 12.53
N SER A 51 -12.04 16.67 11.76
CA SER A 51 -12.13 15.32 12.28
C SER A 51 -10.94 15.04 13.21
N LEU A 52 -9.87 15.80 13.06
CA LEU A 52 -8.71 15.68 13.92
C LEU A 52 -8.90 16.47 15.21
N GLY A 53 -9.96 17.25 15.28
CA GLY A 53 -10.30 17.98 16.49
C GLY A 53 -9.97 19.46 16.46
N TYR A 54 -9.47 19.96 15.33
CA TYR A 54 -9.16 21.38 15.20
C TYR A 54 -10.43 22.22 15.17
N SER A 55 -10.32 23.46 15.65
CA SER A 55 -11.45 24.37 15.70
C SER A 55 -11.90 24.71 14.29
N HIS A 56 -13.15 25.15 14.15
CA HIS A 56 -13.67 25.52 12.85
C HIS A 56 -12.87 26.65 12.22
N SER A 57 -12.44 27.61 13.06
CA SER A 57 -11.70 28.76 12.55
C SER A 57 -10.43 28.35 11.81
N SER A 58 -9.61 27.50 12.43
CA SER A 58 -8.37 27.07 11.77
C SER A 58 -8.62 26.06 10.64
N ALA A 59 -9.67 25.25 10.75
CA ALA A 59 -9.98 24.32 9.68
C ALA A 59 -10.40 25.07 8.42
N ALA A 60 -10.98 26.25 8.61
CA ALA A 60 -11.50 27.05 7.50
C ALA A 60 -10.44 27.85 6.74
N GLN A 61 -9.38 28.27 7.44
CA GLN A 61 -8.38 29.14 6.83
C GLN A 61 -7.10 28.41 6.42
N ALA A 62 -7.08 27.09 6.61
CA ALA A 62 -5.87 26.31 6.37
C ALA A 62 -5.55 26.16 4.89
N LYS A 63 -4.27 25.95 4.60
CA LYS A 63 -3.82 25.72 3.24
C LYS A 63 -3.26 24.32 3.12
N GLY A 64 -3.66 23.60 2.08
CA GLY A 64 -3.26 22.22 1.95
C GLY A 64 -2.49 21.93 0.67
N LEU A 65 -1.60 20.95 0.76
CA LEU A 65 -0.94 20.38 -0.39
C LEU A 65 -1.03 18.89 -0.21
N ILE A 66 -0.88 18.15 -1.30
CA ILE A 66 -0.94 16.70 -1.23
C ILE A 66 0.35 16.11 -1.78
N GLN A 67 0.87 15.10 -1.10
CA GLN A 67 2.18 14.56 -1.40
C GLN A 67 2.16 13.06 -1.64
N VAL A 68 2.62 12.66 -2.81
CA VAL A 68 2.76 11.25 -3.14
C VAL A 68 4.15 10.81 -2.68
N GLY A 69 4.21 9.83 -1.79
CA GLY A 69 5.48 9.36 -1.29
C GLY A 69 6.41 10.48 -0.86
N LYS A 70 7.58 10.55 -1.48
CA LYS A 70 8.57 11.58 -1.18
C LYS A 70 8.67 12.65 -2.27
N TRP A 71 7.68 12.68 -3.16
CA TRP A 71 7.63 13.66 -4.23
C TRP A 71 7.36 15.06 -3.67
N ASN A 72 7.60 16.09 -4.49
CA ASN A 72 7.17 17.44 -4.14
C ASN A 72 5.66 17.46 -3.92
N PRO A 73 5.21 18.08 -2.83
CA PRO A 73 3.76 18.25 -2.65
C PRO A 73 3.21 19.18 -3.73
N VAL A 74 1.95 18.97 -4.11
CA VAL A 74 1.27 19.82 -5.10
C VAL A 74 -0.09 20.27 -4.57
N PRO A 75 -0.60 21.40 -5.08
CA PRO A 75 -1.95 21.79 -4.69
C PRO A 75 -2.96 20.72 -5.09
N LEU A 76 -4.02 20.59 -4.30
CA LEU A 76 -5.04 19.56 -4.56
C LEU A 76 -5.71 19.74 -5.91
N SER A 77 -5.69 20.96 -6.44
CA SER A 77 -6.32 21.24 -7.72
C SER A 77 -5.71 20.41 -8.85
N TYR A 78 -4.49 19.94 -8.65
CA TYR A 78 -3.77 19.19 -9.70
C TYR A 78 -4.16 17.72 -9.75
N VAL A 79 -4.90 17.26 -8.75
CA VAL A 79 -5.28 15.87 -8.67
C VAL A 79 -6.34 15.50 -9.70
N THR A 80 -7.33 16.37 -9.89
CA THR A 80 -8.45 16.05 -10.75
C THR A 80 -9.16 17.32 -11.23
N ASP A 81 -9.81 17.23 -12.39
CA ASP A 81 -10.65 18.31 -12.89
C ASP A 81 -12.13 18.02 -12.71
N ALA A 82 -12.46 16.86 -12.16
CA ALA A 82 -13.86 16.49 -11.92
C ALA A 82 -14.37 17.21 -10.67
N PRO A 83 -15.32 18.14 -10.86
CA PRO A 83 -15.74 18.98 -9.73
C PRO A 83 -16.45 18.19 -8.63
N ASP A 84 -17.02 17.05 -8.97
CA ASP A 84 -17.72 16.24 -7.98
C ASP A 84 -16.96 14.97 -7.62
N ALA A 85 -15.65 14.97 -7.83
CA ALA A 85 -14.83 13.82 -7.40
C ALA A 85 -14.91 13.68 -5.89
N THR A 86 -15.02 12.45 -5.41
CA THR A 86 -15.05 12.20 -3.98
C THR A 86 -13.68 11.79 -3.46
N VAL A 87 -13.56 11.79 -2.14
CA VAL A 87 -12.38 11.28 -1.46
C VAL A 87 -12.10 9.86 -1.91
N ALA A 88 -13.14 9.02 -1.93
CA ALA A 88 -12.97 7.64 -2.41
C ALA A 88 -12.48 7.61 -3.84
N ASP A 89 -13.10 8.40 -4.72
CA ASP A 89 -12.70 8.44 -6.12
C ASP A 89 -11.19 8.63 -6.29
N MET A 90 -10.63 9.57 -5.52
CA MET A 90 -9.24 9.94 -5.72
C MET A 90 -8.24 9.21 -4.82
N LEU A 91 -8.69 8.71 -3.67
CA LEU A 91 -7.74 8.21 -2.67
C LEU A 91 -7.89 6.73 -2.30
N GLN A 92 -8.95 6.08 -2.79
CA GLN A 92 -9.20 4.68 -2.40
C GLN A 92 -7.96 3.83 -2.65
N ASP A 93 -7.32 4.07 -3.79
CA ASP A 93 -6.22 3.21 -4.25
C ASP A 93 -4.84 3.65 -3.77
N VAL A 94 -4.75 4.84 -3.18
CA VAL A 94 -3.44 5.41 -2.91
C VAL A 94 -3.31 6.02 -1.53
N TYR A 95 -4.33 5.88 -0.70
CA TYR A 95 -4.30 6.55 0.59
C TYR A 95 -3.09 6.15 1.44
N HIS A 96 -2.54 4.96 1.18
CA HIS A 96 -1.44 4.46 2.00
C HIS A 96 -0.07 5.01 1.58
N VAL A 97 -0.03 5.76 0.48
CA VAL A 97 1.23 6.37 0.06
C VAL A 97 1.13 7.89 -0.04
N VAL A 98 -0.02 8.45 0.32
CA VAL A 98 -0.20 9.90 0.20
C VAL A 98 -0.19 10.58 1.56
N THR A 99 0.36 11.79 1.60
CA THR A 99 0.35 12.60 2.81
C THR A 99 -0.37 13.90 2.51
N LEU A 100 -1.32 14.26 3.36
CA LEU A 100 -1.98 15.55 3.24
C LEU A 100 -1.18 16.51 4.10
N LYS A 101 -0.49 17.44 3.46
CA LYS A 101 0.35 18.42 4.16
C LYS A 101 -0.43 19.70 4.37
N ILE A 102 -0.82 19.96 5.61
CA ILE A 102 -1.73 21.06 5.91
C ILE A 102 -1.00 22.12 6.71
N GLN A 103 -1.09 23.36 6.24
CA GLN A 103 -0.48 24.47 6.95
C GLN A 103 -1.58 25.36 7.54
N LEU A 104 -1.64 25.41 8.87
CA LEU A 104 -2.64 26.22 9.55
C LEU A 104 -2.30 27.69 9.43
N HIS A 105 -3.30 28.55 9.61
CA HIS A 105 -3.08 29.99 9.61
C HIS A 105 -2.43 30.44 10.91
N GLY B 3 6.19 13.03 12.46
CA GLY B 3 6.39 11.60 12.65
C GLY B 3 5.50 10.77 11.73
N SER B 4 5.11 9.58 12.20
CA SER B 4 4.26 8.71 11.40
C SER B 4 2.93 8.48 12.08
N GLY B 5 2.69 9.23 13.17
CA GLY B 5 1.44 9.16 13.88
C GLY B 5 1.43 8.11 14.98
N THR B 6 0.39 8.14 15.79
CA THR B 6 0.27 7.20 16.89
C THR B 6 -0.68 6.07 16.52
N MET B 7 -1.41 6.25 15.41
CA MET B 7 -2.47 5.32 15.01
C MET B 7 -2.20 4.67 13.66
N LEU B 8 -2.79 3.50 13.46
CA LEU B 8 -2.78 2.82 12.17
C LEU B 8 -4.20 2.39 11.84
N PRO B 9 -4.58 2.47 10.56
CA PRO B 9 -5.92 2.03 10.17
C PRO B 9 -5.96 0.53 10.01
N VAL B 10 -7.05 -0.09 10.46
CA VAL B 10 -7.25 -1.51 10.25
C VAL B 10 -8.66 -1.74 9.69
N PHE B 11 -8.74 -2.36 8.52
CA PHE B 11 -10.04 -2.67 7.94
C PHE B 11 -10.63 -3.92 8.58
N CYS B 12 -11.83 -3.79 9.13
CA CYS B 12 -12.45 -4.87 9.89
C CYS B 12 -13.80 -5.27 9.31
N VAL B 13 -14.08 -6.56 9.33
CA VAL B 13 -15.39 -7.06 8.97
C VAL B 13 -15.90 -7.88 10.14
N VAL B 14 -17.01 -7.46 10.72
CA VAL B 14 -17.61 -8.17 11.85
C VAL B 14 -18.86 -8.90 11.39
N GLU B 15 -18.86 -10.21 11.56
CA GLU B 15 -19.98 -11.06 11.20
C GLU B 15 -20.76 -11.47 12.43
N HIS B 16 -22.07 -11.24 12.43
CA HIS B 16 -22.90 -11.64 13.56
C HIS B 16 -24.28 -12.01 13.08
N TYR B 17 -24.92 -12.94 13.78
CA TYR B 17 -26.26 -13.36 13.40
C TYR B 17 -27.33 -12.51 14.06
N GLU B 18 -28.33 -12.13 13.27
CA GLU B 18 -29.46 -11.36 13.77
C GLU B 18 -30.71 -12.18 13.55
N ASN B 19 -31.41 -12.50 14.62
CA ASN B 19 -32.62 -13.30 14.53
C ASN B 19 -33.83 -12.41 14.27
N ALA B 20 -34.43 -12.56 13.10
CA ALA B 20 -35.72 -11.97 12.86
C ALA B 20 -36.75 -12.88 13.50
N ILE B 21 -37.96 -12.91 12.98
CA ILE B 21 -38.99 -13.79 13.53
C ILE B 21 -38.98 -15.15 12.82
N GLU B 22 -39.24 -15.13 11.52
CA GLU B 22 -39.34 -16.36 10.75
C GLU B 22 -38.02 -16.72 10.05
N TYR B 23 -36.99 -15.91 10.26
CA TYR B 23 -35.70 -16.16 9.61
C TYR B 23 -34.53 -15.42 10.25
N ASP B 24 -33.33 -15.96 10.05
CA ASP B 24 -32.11 -15.37 10.59
C ASP B 24 -31.25 -14.78 9.49
N CYS B 25 -30.45 -13.78 9.84
CA CYS B 25 -29.56 -13.13 8.89
C CYS B 25 -28.13 -13.19 9.37
N LYS B 26 -27.22 -13.53 8.45
CA LYS B 26 -25.80 -13.44 8.74
C LYS B 26 -25.30 -12.07 8.34
N GLU B 27 -25.31 -11.15 9.30
CA GLU B 27 -24.98 -9.77 9.02
C GLU B 27 -23.47 -9.55 8.99
N GLU B 28 -23.02 -8.70 8.09
CA GLU B 28 -21.63 -8.34 8.00
C GLU B 28 -21.51 -6.82 8.06
N HIS B 29 -20.75 -6.33 9.03
CA HIS B 29 -20.49 -4.91 9.14
C HIS B 29 -19.01 -4.64 8.91
N ALA B 30 -18.70 -3.90 7.85
CA ALA B 30 -17.31 -3.65 7.47
C ALA B 30 -16.97 -2.18 7.67
N GLU B 31 -15.84 -1.91 8.30
CA GLU B 31 -15.42 -0.53 8.48
C GLU B 31 -13.96 -0.41 8.87
N PHE B 32 -13.34 0.71 8.54
CA PHE B 32 -12.00 1.01 9.04
C PHE B 32 -12.08 1.43 10.51
N VAL B 33 -11.06 1.03 11.26
CA VAL B 33 -10.89 1.44 12.64
C VAL B 33 -9.47 1.97 12.78
N LEU B 34 -9.30 3.01 13.57
CA LEU B 34 -7.95 3.45 13.93
C LEU B 34 -7.53 2.78 15.23
N VAL B 35 -6.35 2.15 15.23
CA VAL B 35 -5.84 1.52 16.44
C VAL B 35 -4.46 2.06 16.82
N ARG B 36 -4.17 2.14 18.11
CA ARG B 36 -2.86 2.61 18.55
C ARG B 36 -1.75 1.68 18.07
N LYS B 37 -0.72 2.28 17.48
CA LYS B 37 0.45 1.54 17.03
C LYS B 37 1.08 0.74 18.15
N ASP B 38 1.05 1.28 19.37
CA ASP B 38 1.76 0.63 20.47
C ASP B 38 0.92 -0.40 21.25
N MET B 39 -0.31 -0.63 20.80
CA MET B 39 -1.15 -1.65 21.43
C MET B 39 -0.61 -3.04 21.09
N LEU B 40 -0.75 -4.01 21.99
CA LEU B 40 -0.27 -5.36 21.68
C LEU B 40 -1.08 -5.97 20.55
N PHE B 41 -0.39 -6.54 19.58
CA PHE B 41 -1.03 -7.11 18.40
C PHE B 41 -2.04 -8.20 18.73
N ASN B 42 -1.75 -9.00 19.75
CA ASN B 42 -2.65 -10.11 20.07
C ASN B 42 -3.99 -9.67 20.67
N GLN B 43 -4.15 -8.36 20.90
CA GLN B 43 -5.41 -7.84 21.43
C GLN B 43 -6.18 -7.06 20.36
N LEU B 44 -5.81 -7.26 19.11
CA LEU B 44 -6.42 -6.51 18.01
C LEU B 44 -7.93 -6.73 17.94
N ILE B 45 -8.37 -7.96 18.21
CA ILE B 45 -9.79 -8.27 18.09
C ILE B 45 -10.62 -7.46 19.10
N GLU B 46 -10.13 -7.41 20.33
CA GLU B 46 -10.78 -6.65 21.39
C GLU B 46 -10.86 -5.15 21.07
N MET B 47 -9.76 -4.59 20.60
CA MET B 47 -9.71 -3.17 20.29
C MET B 47 -10.63 -2.82 19.14
N ALA B 48 -10.62 -3.67 18.11
CA ALA B 48 -11.46 -3.44 16.94
C ALA B 48 -12.93 -3.39 17.33
N LEU B 49 -13.35 -4.38 18.12
CA LEU B 49 -14.75 -4.47 18.52
C LEU B 49 -15.17 -3.28 19.38
N LEU B 50 -14.28 -2.87 20.28
CA LEU B 50 -14.56 -1.72 21.13
C LEU B 50 -14.77 -0.47 20.27
N SER B 51 -13.92 -0.30 19.27
CA SER B 51 -13.95 0.89 18.42
C SER B 51 -15.14 0.90 17.48
N LEU B 52 -15.64 -0.28 17.15
CA LEU B 52 -16.79 -0.39 16.27
C LEU B 52 -18.09 -0.27 17.03
N GLY B 53 -18.00 -0.18 18.35
CA GLY B 53 -19.16 0.09 19.17
C GLY B 53 -19.81 -1.14 19.78
N TYR B 54 -19.12 -2.28 19.72
CA TYR B 54 -19.64 -3.49 20.33
C TYR B 54 -19.39 -3.51 21.82
N SER B 55 -20.27 -4.19 22.54
CA SER B 55 -20.16 -4.34 23.99
C SER B 55 -18.88 -5.08 24.37
N HIS B 56 -18.33 -4.75 25.53
CA HIS B 56 -17.13 -5.40 26.04
C HIS B 56 -17.26 -6.92 26.05
N SER B 57 -18.48 -7.42 26.20
CA SER B 57 -18.71 -8.84 26.34
C SER B 57 -18.68 -9.59 25.01
N SER B 58 -18.84 -8.87 23.90
CA SER B 58 -18.87 -9.52 22.60
C SER B 58 -17.52 -10.14 22.27
N ALA B 59 -16.45 -9.52 22.76
CA ALA B 59 -15.10 -9.99 22.46
C ALA B 59 -14.83 -11.37 23.05
N ALA B 60 -15.42 -11.64 24.21
CA ALA B 60 -15.22 -12.91 24.90
C ALA B 60 -15.97 -14.05 24.22
N GLN B 61 -16.72 -13.72 23.18
CA GLN B 61 -17.35 -14.75 22.36
C GLN B 61 -17.02 -14.54 20.88
N ALA B 62 -15.81 -14.06 20.62
CA ALA B 62 -15.42 -13.78 19.24
C ALA B 62 -14.31 -14.69 18.76
N LYS B 63 -14.34 -15.01 17.47
CA LYS B 63 -13.20 -15.60 16.78
C LYS B 63 -12.75 -14.56 15.76
N GLY B 64 -11.48 -14.56 15.43
CA GLY B 64 -10.97 -13.63 14.45
C GLY B 64 -9.87 -14.23 13.62
N LEU B 65 -9.87 -13.93 12.34
CA LEU B 65 -8.80 -14.33 11.44
C LEU B 65 -8.34 -13.11 10.66
N ILE B 66 -7.05 -13.03 10.38
CA ILE B 66 -6.51 -11.90 9.66
C ILE B 66 -6.12 -12.34 8.24
N GLN B 67 -6.46 -11.52 7.26
CA GLN B 67 -6.26 -11.91 5.88
C GLN B 67 -5.45 -10.87 5.13
N VAL B 68 -4.43 -11.34 4.42
CA VAL B 68 -3.64 -10.53 3.50
C VAL B 68 -4.22 -10.69 2.11
N GLY B 69 -4.56 -9.59 1.45
CA GLY B 69 -5.08 -9.66 0.09
C GLY B 69 -6.16 -10.72 0.00
N LYS B 70 -5.97 -11.69 -0.89
CA LYS B 70 -6.93 -12.77 -1.07
C LYS B 70 -6.43 -14.11 -0.53
N TRP B 71 -5.37 -14.06 0.28
CA TRP B 71 -4.82 -15.28 0.88
C TRP B 71 -5.81 -15.87 1.88
N ASN B 72 -5.63 -17.15 2.21
CA ASN B 72 -6.39 -17.76 3.30
C ASN B 72 -6.23 -16.97 4.59
N PRO B 73 -7.35 -16.61 5.24
CA PRO B 73 -7.26 -15.96 6.56
C PRO B 73 -6.62 -16.88 7.60
N VAL B 74 -5.85 -16.29 8.52
CA VAL B 74 -5.14 -17.08 9.53
C VAL B 74 -5.32 -16.47 10.92
N PRO B 75 -5.13 -17.28 11.97
CA PRO B 75 -5.24 -16.71 13.33
C PRO B 75 -4.12 -15.71 13.58
N LEU B 76 -4.37 -14.74 14.44
CA LEU B 76 -3.34 -13.77 14.83
C LEU B 76 -2.04 -14.46 15.25
N SER B 77 -2.17 -15.60 15.92
CA SER B 77 -0.99 -16.30 16.43
C SER B 77 -0.09 -16.85 15.31
N TYR B 78 -0.62 -16.94 14.10
CA TYR B 78 0.15 -17.39 12.94
C TYR B 78 1.04 -16.28 12.40
N VAL B 79 0.68 -15.04 12.74
CA VAL B 79 1.39 -13.86 12.26
C VAL B 79 2.72 -13.72 13.01
N THR B 80 2.68 -13.91 14.32
CA THR B 80 3.89 -13.74 15.13
C THR B 80 3.87 -14.61 16.38
N ASP B 81 5.06 -15.04 16.80
CA ASP B 81 5.22 -15.84 17.99
C ASP B 81 5.49 -14.98 19.22
N ALA B 82 5.77 -13.70 19.00
CA ALA B 82 6.17 -12.80 20.07
C ALA B 82 4.96 -12.23 20.80
N PRO B 83 4.83 -12.53 22.09
CA PRO B 83 3.70 -12.07 22.91
C PRO B 83 3.69 -10.55 23.04
N ASP B 84 4.84 -9.92 22.87
CA ASP B 84 4.95 -8.47 23.03
C ASP B 84 5.00 -7.71 21.71
N ALA B 85 4.65 -8.37 20.61
CA ALA B 85 4.58 -7.69 19.33
C ALA B 85 3.45 -6.66 19.37
N THR B 86 3.72 -5.48 18.83
CA THR B 86 2.70 -4.45 18.78
C THR B 86 2.02 -4.42 17.44
N VAL B 87 0.93 -3.67 17.38
CA VAL B 87 0.23 -3.44 16.13
C VAL B 87 1.16 -2.83 15.08
N ALA B 88 2.00 -1.89 15.50
CA ALA B 88 2.97 -1.29 14.58
C ALA B 88 3.97 -2.31 14.06
N ASP B 89 4.47 -3.17 14.96
CA ASP B 89 5.43 -4.20 14.56
C ASP B 89 4.92 -5.01 13.38
N MET B 90 3.65 -5.41 13.45
CA MET B 90 3.11 -6.35 12.48
C MET B 90 2.35 -5.70 11.31
N LEU B 91 1.85 -4.49 11.51
CA LEU B 91 0.91 -3.93 10.54
C LEU B 91 1.37 -2.66 9.82
N GLN B 92 2.43 -2.04 10.31
CA GLN B 92 2.90 -0.76 9.75
C GLN B 92 3.09 -0.82 8.23
N ASP B 93 3.63 -1.94 7.75
CA ASP B 93 4.01 -2.05 6.34
C ASP B 93 2.90 -2.66 5.48
N VAL B 94 1.83 -3.15 6.09
CA VAL B 94 0.86 -3.94 5.35
C VAL B 94 -0.61 -3.60 5.63
N TYR B 95 -0.85 -2.57 6.45
CA TYR B 95 -2.23 -2.29 6.87
C TYR B 95 -3.19 -2.12 5.70
N HIS B 96 -2.70 -1.66 4.56
CA HIS B 96 -3.60 -1.36 3.45
C HIS B 96 -4.07 -2.61 2.69
N VAL B 97 -3.45 -3.75 2.97
CA VAL B 97 -3.84 -4.97 2.27
C VAL B 97 -4.43 -6.01 3.20
N VAL B 98 -4.58 -5.66 4.47
CA VAL B 98 -5.11 -6.62 5.44
C VAL B 98 -6.59 -6.41 5.76
N THR B 99 -7.28 -7.51 6.02
CA THR B 99 -8.66 -7.46 6.49
C THR B 99 -8.74 -8.27 7.77
N LEU B 100 -9.26 -7.67 8.83
CA LEU B 100 -9.51 -8.43 10.06
C LEU B 100 -10.94 -8.91 10.05
N LYS B 101 -11.13 -10.23 9.98
CA LYS B 101 -12.45 -10.82 9.90
C LYS B 101 -12.83 -11.41 11.25
N ILE B 102 -13.84 -10.81 11.89
CA ILE B 102 -14.25 -11.23 13.22
C ILE B 102 -15.64 -11.86 13.20
N GLN B 103 -15.77 -13.03 13.82
CA GLN B 103 -17.05 -13.72 13.95
C GLN B 103 -17.53 -13.68 15.39
N LEU B 104 -18.72 -13.12 15.61
CA LEU B 104 -19.33 -13.10 16.92
C LEU B 104 -20.24 -14.30 17.05
N HIS B 105 -20.07 -15.06 18.12
CA HIS B 105 -20.90 -16.24 18.36
C HIS B 105 -22.17 -15.83 19.10
N GLY C 1 -3.33 0.42 -14.39
CA GLY C 1 -2.65 0.35 -13.11
C GLY C 1 -1.61 -0.75 -13.09
N PRO C 2 -0.52 -0.55 -12.32
CA PRO C 2 0.56 -1.53 -12.25
C PRO C 2 0.06 -2.94 -12.00
N GLY C 3 0.58 -3.90 -12.76
CA GLY C 3 0.18 -5.29 -12.64
C GLY C 3 -0.81 -5.69 -13.71
N SER C 4 -1.27 -4.72 -14.50
CA SER C 4 -2.22 -5.00 -15.57
C SER C 4 -1.54 -5.62 -16.77
N GLY C 5 -0.21 -5.63 -16.76
CA GLY C 5 0.56 -6.27 -17.81
C GLY C 5 0.60 -7.78 -17.63
N THR C 6 1.62 -8.42 -18.17
CA THR C 6 1.72 -9.88 -18.11
C THR C 6 2.58 -10.37 -16.94
N MET C 7 3.38 -9.47 -16.36
CA MET C 7 4.33 -9.85 -15.32
C MET C 7 3.99 -9.18 -13.98
N LEU C 8 4.42 -9.83 -12.89
CA LEU C 8 4.47 -9.19 -11.58
C LEU C 8 5.88 -9.32 -11.02
N PRO C 9 6.36 -8.27 -10.35
CA PRO C 9 7.67 -8.35 -9.72
C PRO C 9 7.55 -9.06 -8.37
N VAL C 10 8.40 -10.03 -8.12
CA VAL C 10 8.43 -10.70 -6.82
C VAL C 10 9.83 -10.59 -6.22
N PHE C 11 9.93 -10.05 -5.01
CA PHE C 11 11.23 -9.92 -4.35
C PHE C 11 11.66 -11.27 -3.79
N CYS C 12 12.82 -11.75 -4.21
CA CYS C 12 13.30 -13.07 -3.79
C CYS C 12 14.60 -12.97 -3.03
N VAL C 13 14.70 -13.75 -1.96
CA VAL C 13 15.94 -13.87 -1.21
C VAL C 13 16.36 -15.33 -1.27
N VAL C 14 17.45 -15.59 -1.99
CA VAL C 14 17.89 -16.95 -2.21
C VAL C 14 19.12 -17.24 -1.38
N GLU C 15 19.04 -18.29 -0.55
CA GLU C 15 20.15 -18.66 0.31
C GLU C 15 20.64 -20.07 0.00
N HIS C 16 21.91 -20.33 0.28
CA HIS C 16 22.49 -21.67 0.13
C HIS C 16 24.00 -21.63 0.35
N GLU C 28 23.59 -15.34 0.88
CA GLU C 28 22.29 -14.78 0.52
C GLU C 28 22.39 -13.88 -0.71
N HIS C 29 21.31 -13.85 -1.49
CA HIS C 29 21.22 -13.02 -2.67
C HIS C 29 19.79 -12.54 -2.86
N ALA C 30 19.59 -11.24 -2.72
CA ALA C 30 18.24 -10.67 -2.72
C ALA C 30 18.01 -9.78 -3.94
N GLU C 31 16.89 -9.98 -4.61
CA GLU C 31 16.69 -9.39 -5.93
C GLU C 31 15.25 -9.58 -6.41
N PHE C 32 14.72 -8.59 -7.12
CA PHE C 32 13.43 -8.73 -7.78
C PHE C 32 13.52 -9.66 -8.99
N VAL C 33 12.47 -10.45 -9.19
CA VAL C 33 12.32 -11.27 -10.38
C VAL C 33 10.96 -10.97 -11.01
N LEU C 34 10.90 -10.94 -12.33
CA LEU C 34 9.61 -10.80 -13.00
C LEU C 34 9.04 -12.17 -13.31
N VAL C 35 7.80 -12.40 -12.87
CA VAL C 35 7.14 -13.68 -13.08
C VAL C 35 5.84 -13.51 -13.87
N ARG C 36 5.56 -14.45 -14.76
CA ARG C 36 4.30 -14.43 -15.52
C ARG C 36 3.09 -14.60 -14.62
N LYS C 37 2.18 -13.62 -14.68
CA LYS C 37 0.98 -13.58 -13.84
C LYS C 37 0.09 -14.79 -14.01
N ASP C 38 0.03 -15.33 -15.23
CA ASP C 38 -0.97 -16.35 -15.54
C ASP C 38 -0.48 -17.75 -15.22
N MET C 39 0.74 -17.85 -14.72
CA MET C 39 1.28 -19.15 -14.34
C MET C 39 0.74 -19.55 -12.97
N LEU C 40 0.80 -20.84 -12.67
CA LEU C 40 0.25 -21.35 -11.41
C LEU C 40 1.04 -20.90 -10.18
N PHE C 41 0.33 -20.48 -9.15
CA PHE C 41 0.98 -20.03 -7.93
C PHE C 41 1.80 -21.14 -7.30
N ASN C 42 1.35 -22.39 -7.43
CA ASN C 42 2.08 -23.50 -6.82
C ASN C 42 3.41 -23.82 -7.51
N GLN C 43 3.71 -23.09 -8.58
CA GLN C 43 4.99 -23.24 -9.28
C GLN C 43 5.88 -22.00 -9.10
N LEU C 44 5.49 -21.11 -8.20
CA LEU C 44 6.20 -19.84 -8.04
C LEU C 44 7.67 -19.99 -7.68
N ILE C 45 7.99 -20.91 -6.76
CA ILE C 45 9.37 -21.08 -6.34
C ILE C 45 10.23 -21.53 -7.52
N GLU C 46 9.78 -22.56 -8.22
CA GLU C 46 10.47 -23.09 -9.40
C GLU C 46 10.67 -21.99 -10.44
N MET C 47 9.60 -21.25 -10.75
CA MET C 47 9.67 -20.20 -11.76
C MET C 47 10.71 -19.13 -11.40
N ALA C 48 10.70 -18.70 -10.14
CA ALA C 48 11.65 -17.68 -9.70
C ALA C 48 13.09 -18.18 -9.87
N LEU C 49 13.34 -19.42 -9.46
CA LEU C 49 14.68 -19.98 -9.54
C LEU C 49 15.12 -20.19 -10.99
N LEU C 50 14.21 -20.65 -11.84
CA LEU C 50 14.53 -20.80 -13.27
C LEU C 50 14.91 -19.45 -13.88
N SER C 51 14.26 -18.37 -13.44
CA SER C 51 14.58 -17.05 -13.95
C SER C 51 15.98 -16.60 -13.57
N LEU C 52 16.52 -17.21 -12.52
CA LEU C 52 17.84 -16.86 -12.02
C LEU C 52 18.92 -17.79 -12.57
N GLY C 53 18.53 -18.75 -13.40
CA GLY C 53 19.47 -19.64 -14.05
C GLY C 53 19.70 -20.96 -13.33
N TYR C 54 18.99 -21.19 -12.24
CA TYR C 54 19.12 -22.49 -11.58
C TYR C 54 18.57 -23.61 -12.44
N SER C 55 19.19 -24.78 -12.36
CA SER C 55 18.78 -25.92 -13.15
C SER C 55 17.37 -26.36 -12.82
N HIS C 56 16.74 -27.05 -13.76
CA HIS C 56 15.41 -27.58 -13.55
C HIS C 56 15.34 -28.40 -12.26
N SER C 57 16.36 -29.22 -12.00
CA SER C 57 16.33 -30.08 -10.82
C SER C 57 16.63 -29.31 -9.52
N SER C 58 17.47 -28.29 -9.61
CA SER C 58 17.76 -27.44 -8.45
C SER C 58 16.52 -26.64 -8.06
N ALA C 59 15.82 -26.11 -9.06
CA ALA C 59 14.61 -25.33 -8.84
C ALA C 59 13.52 -26.20 -8.22
N ALA C 60 13.46 -27.45 -8.65
CA ALA C 60 12.41 -28.35 -8.20
C ALA C 60 12.58 -28.80 -6.76
N GLN C 61 13.83 -28.83 -6.29
CA GLN C 61 14.11 -29.31 -4.93
C GLN C 61 14.24 -28.24 -3.84
N ALA C 62 14.03 -26.98 -4.18
CA ALA C 62 14.26 -25.91 -3.22
C ALA C 62 13.14 -25.80 -2.21
N LYS C 63 13.46 -25.34 -1.01
CA LYS C 63 12.44 -25.00 -0.01
C LYS C 63 12.10 -23.53 -0.15
N GLY C 64 10.82 -23.21 -0.13
CA GLY C 64 10.39 -21.83 -0.27
C GLY C 64 9.32 -21.46 0.74
N LEU C 65 9.49 -20.30 1.37
CA LEU C 65 8.49 -19.75 2.28
C LEU C 65 8.19 -18.34 1.81
N ILE C 66 6.93 -17.94 1.93
CA ILE C 66 6.54 -16.61 1.49
C ILE C 66 6.22 -15.78 2.71
N GLN C 67 6.67 -14.53 2.70
CA GLN C 67 6.52 -13.67 3.86
C GLN C 67 5.85 -12.36 3.46
N VAL C 68 4.81 -11.97 4.17
CA VAL C 68 4.27 -10.63 4.01
C VAL C 68 4.83 -9.74 5.10
N GLY C 69 5.28 -8.56 4.69
CA GLY C 69 5.86 -7.61 5.62
C GLY C 69 6.83 -8.31 6.55
N LYS C 70 6.52 -8.24 7.84
CA LYS C 70 7.36 -8.82 8.87
C LYS C 70 6.70 -10.03 9.54
N TRP C 71 5.64 -10.55 8.93
CA TRP C 71 4.94 -11.72 9.46
C TRP C 71 5.83 -12.95 9.36
N ASN C 72 5.52 -13.98 10.14
CA ASN C 72 6.21 -15.26 10.00
C ASN C 72 6.08 -15.78 8.57
N PRO C 73 7.20 -16.18 7.97
CA PRO C 73 7.10 -16.78 6.64
C PRO C 73 6.33 -18.09 6.70
N VAL C 74 5.58 -18.39 5.64
CA VAL C 74 4.79 -19.62 5.58
C VAL C 74 4.99 -20.34 4.25
N PRO C 75 4.78 -21.67 4.26
CA PRO C 75 4.76 -22.44 3.02
C PRO C 75 3.68 -21.92 2.07
N LEU C 76 3.93 -22.00 0.77
CA LEU C 76 2.98 -21.47 -0.20
C LEU C 76 1.64 -22.19 -0.11
N SER C 77 1.65 -23.43 0.36
CA SER C 77 0.41 -24.17 0.54
C SER C 77 -0.51 -23.53 1.59
N TYR C 78 0.06 -22.70 2.47
CA TYR C 78 -0.70 -21.99 3.49
C TYR C 78 -1.49 -20.83 2.90
N VAL C 79 -1.05 -20.36 1.73
CA VAL C 79 -1.63 -19.19 1.08
C VAL C 79 -2.97 -19.52 0.44
N THR C 80 -3.04 -20.65 -0.26
CA THR C 80 -4.27 -21.06 -0.92
C THR C 80 -4.37 -22.57 -1.09
N ASP C 81 -5.61 -23.07 -1.10
CA ASP C 81 -5.88 -24.49 -1.24
C ASP C 81 -6.16 -24.87 -2.68
N ALA C 82 -6.34 -23.86 -3.52
CA ALA C 82 -6.76 -24.04 -4.91
C ALA C 82 -5.57 -24.38 -5.82
N PRO C 83 -5.57 -25.59 -6.38
CA PRO C 83 -4.48 -26.05 -7.26
C PRO C 83 -4.34 -25.16 -8.49
N ASP C 84 -5.43 -24.52 -8.90
CA ASP C 84 -5.41 -23.73 -10.11
C ASP C 84 -5.24 -22.22 -9.87
N ALA C 85 -4.96 -21.85 -8.62
CA ALA C 85 -4.70 -20.45 -8.32
C ALA C 85 -3.49 -19.94 -9.11
N THR C 86 -3.60 -18.75 -9.68
CA THR C 86 -2.51 -18.19 -10.45
C THR C 86 -1.68 -17.24 -9.60
N VAL C 87 -0.48 -16.92 -10.09
CA VAL C 87 0.35 -15.92 -9.46
C VAL C 87 -0.42 -14.61 -9.34
N ALA C 88 -1.19 -14.27 -10.38
CA ALA C 88 -1.98 -13.04 -10.32
C ALA C 88 -3.07 -13.11 -9.25
N ASP C 89 -3.71 -14.27 -9.14
CA ASP C 89 -4.77 -14.46 -8.15
C ASP C 89 -4.29 -14.10 -6.74
N MET C 90 -3.11 -14.60 -6.39
CA MET C 90 -2.61 -14.46 -5.04
C MET C 90 -1.73 -13.23 -4.80
N LEU C 91 -1.09 -12.71 -5.85
CA LEU C 91 -0.08 -11.66 -5.65
C LEU C 91 -0.40 -10.29 -6.26
N GLN C 92 -1.43 -10.20 -7.09
CA GLN C 92 -1.76 -8.93 -7.73
C GLN C 92 -1.88 -7.80 -6.71
N ASP C 93 -2.51 -8.12 -5.58
CA ASP C 93 -2.80 -7.12 -4.56
C ASP C 93 -1.69 -6.91 -3.54
N VAL C 94 -0.72 -7.81 -3.49
CA VAL C 94 0.26 -7.74 -2.41
C VAL C 94 1.73 -7.89 -2.80
N TYR C 95 2.03 -7.97 -4.09
CA TYR C 95 3.40 -8.25 -4.49
C TYR C 95 4.42 -7.29 -3.86
N HIS C 96 4.02 -6.05 -3.60
CA HIS C 96 4.99 -5.06 -3.15
C HIS C 96 5.36 -5.21 -1.67
N VAL C 97 4.66 -6.06 -0.95
CA VAL C 97 4.97 -6.28 0.46
C VAL C 97 5.41 -7.71 0.75
N VAL C 98 5.56 -8.51 -0.30
CA VAL C 98 5.93 -9.91 -0.08
C VAL C 98 7.39 -10.19 -0.40
N THR C 99 7.97 -11.11 0.36
CA THR C 99 9.32 -11.60 0.11
C THR C 99 9.26 -13.12 -0.01
N LEU C 100 9.85 -13.65 -1.06
CA LEU C 100 9.93 -15.09 -1.23
C LEU C 100 11.29 -15.53 -0.69
N LYS C 101 11.27 -16.34 0.37
CA LYS C 101 12.49 -16.79 1.03
C LYS C 101 12.80 -18.20 0.58
N ILE C 102 13.84 -18.35 -0.21
CA ILE C 102 14.14 -19.62 -0.87
C ILE C 102 15.44 -20.20 -0.36
N GLN C 103 15.40 -21.47 0.02
CA GLN C 103 16.58 -22.17 0.51
C GLN C 103 16.91 -23.34 -0.41
N LEU C 104 18.05 -23.26 -1.07
CA LEU C 104 18.48 -24.34 -1.97
C LEU C 104 18.93 -25.55 -1.16
N GLY D 3 21.25 -7.45 -0.04
CA GLY D 3 20.66 -6.27 0.56
C GLY D 3 19.64 -5.59 -0.32
N SER D 4 18.40 -5.52 0.18
CA SER D 4 17.29 -4.78 -0.45
C SER D 4 17.19 -4.79 -1.98
N GLY D 5 18.07 -5.55 -2.63
CA GLY D 5 18.10 -5.60 -4.09
C GLY D 5 18.68 -4.34 -4.69
N THR D 6 19.20 -4.47 -5.91
CA THR D 6 19.80 -3.35 -6.61
C THR D 6 18.83 -2.75 -7.61
N MET D 7 17.77 -3.50 -7.92
CA MET D 7 16.82 -3.09 -8.94
C MET D 7 15.49 -2.67 -8.33
N LEU D 8 14.72 -1.92 -9.11
CA LEU D 8 13.38 -1.54 -8.71
C LEU D 8 12.45 -1.75 -9.91
N PRO D 9 11.25 -2.27 -9.66
CA PRO D 9 10.32 -2.42 -10.79
C PRO D 9 9.65 -1.10 -11.11
N VAL D 10 9.53 -0.77 -12.39
CA VAL D 10 8.78 0.41 -12.80
C VAL D 10 7.80 0.01 -13.89
N PHE D 11 6.54 0.37 -13.70
CA PHE D 11 5.48 0.03 -14.64
C PHE D 11 5.49 1.12 -15.72
N CYS D 12 5.90 0.74 -16.93
CA CYS D 12 6.20 1.68 -18.02
C CYS D 12 5.44 1.39 -19.29
N VAL D 13 5.21 2.45 -20.08
CA VAL D 13 4.66 2.30 -21.41
C VAL D 13 5.14 3.45 -22.28
N VAL D 14 5.38 3.16 -23.56
CA VAL D 14 5.64 4.21 -24.53
C VAL D 14 4.36 4.45 -25.31
N GLU D 15 3.84 5.67 -25.27
CA GLU D 15 2.56 5.94 -25.90
C GLU D 15 2.70 6.14 -27.41
N HIS D 16 1.67 5.76 -28.16
CA HIS D 16 1.69 5.83 -29.61
C HIS D 16 0.37 6.34 -30.18
N TYR D 17 0.25 6.29 -31.50
CA TYR D 17 -0.96 6.73 -32.20
C TYR D 17 -1.24 8.21 -31.97
N HIS D 29 1.26 -2.25 -24.60
CA HIS D 29 0.68 -2.33 -23.26
C HIS D 29 1.73 -2.07 -22.19
N ALA D 30 1.34 -1.35 -21.15
CA ALA D 30 2.25 -1.05 -20.06
C ALA D 30 2.77 -2.34 -19.45
N GLU D 31 4.03 -2.34 -19.05
CA GLU D 31 4.64 -3.50 -18.43
C GLU D 31 5.70 -3.11 -17.43
N PHE D 32 5.98 -4.00 -16.50
CA PHE D 32 7.05 -3.79 -15.54
C PHE D 32 8.43 -3.95 -16.19
N VAL D 33 9.32 -3.06 -15.82
CA VAL D 33 10.71 -3.10 -16.21
C VAL D 33 11.55 -2.98 -14.93
N LEU D 34 12.66 -3.70 -14.87
CA LEU D 34 13.56 -3.54 -13.75
C LEU D 34 14.63 -2.52 -14.10
N VAL D 35 14.83 -1.54 -13.23
CA VAL D 35 15.87 -0.54 -13.45
C VAL D 35 16.70 -0.36 -12.19
N ARG D 36 17.95 0.07 -12.36
CA ARG D 36 18.86 0.25 -11.24
C ARG D 36 18.42 1.36 -10.30
N LYS D 37 18.26 1.02 -9.03
CA LYS D 37 17.75 1.91 -8.00
C LYS D 37 18.61 3.14 -7.76
N ASP D 38 19.92 2.97 -7.84
CA ASP D 38 20.85 4.02 -7.43
C ASP D 38 21.11 5.02 -8.54
N MET D 39 20.55 4.74 -9.73
CA MET D 39 20.69 5.63 -10.86
C MET D 39 19.87 6.90 -10.61
N LEU D 40 20.25 8.00 -11.25
CA LEU D 40 19.54 9.27 -11.07
C LEU D 40 18.11 9.17 -11.59
N PHE D 41 17.19 9.79 -10.86
CA PHE D 41 15.81 9.87 -11.31
C PHE D 41 15.71 10.50 -12.71
N ASN D 42 16.60 11.46 -12.99
CA ASN D 42 16.59 12.10 -14.29
C ASN D 42 17.07 11.19 -15.44
N GLN D 43 17.47 9.97 -15.09
CA GLN D 43 17.90 8.99 -16.08
C GLN D 43 16.86 7.89 -16.28
N LEU D 44 15.74 8.00 -15.56
CA LEU D 44 14.74 6.94 -15.56
C LEU D 44 14.13 6.69 -16.94
N ILE D 45 13.78 7.75 -17.65
CA ILE D 45 13.17 7.58 -18.96
C ILE D 45 14.11 6.85 -19.91
N GLU D 46 15.38 7.24 -19.91
CA GLU D 46 16.35 6.60 -20.79
C GLU D 46 16.52 5.11 -20.43
N MET D 47 16.59 4.81 -19.14
CA MET D 47 16.72 3.43 -18.70
C MET D 47 15.53 2.58 -19.12
N ALA D 48 14.33 3.14 -18.93
CA ALA D 48 13.11 2.43 -19.27
C ALA D 48 13.05 2.17 -20.77
N LEU D 49 13.39 3.20 -21.55
CA LEU D 49 13.35 3.09 -23.00
C LEU D 49 14.26 1.95 -23.48
N LEU D 50 15.48 1.91 -22.97
CA LEU D 50 16.42 0.87 -23.36
C LEU D 50 15.87 -0.52 -23.03
N SER D 51 15.27 -0.64 -21.86
CA SER D 51 14.71 -1.92 -21.43
C SER D 51 13.52 -2.36 -22.28
N LEU D 52 12.87 -1.40 -22.91
CA LEU D 52 11.69 -1.68 -23.74
C LEU D 52 12.03 -1.85 -25.22
N GLY D 53 13.31 -1.76 -25.56
CA GLY D 53 13.74 -1.97 -26.94
C GLY D 53 13.97 -0.71 -27.77
N TYR D 54 14.04 0.44 -27.10
CA TYR D 54 14.32 1.70 -27.79
C TYR D 54 15.79 2.08 -27.66
N SER D 55 16.24 2.99 -28.52
CA SER D 55 17.67 3.34 -28.56
C SER D 55 18.03 4.50 -27.64
N HIS D 56 19.33 4.71 -27.44
CA HIS D 56 19.80 5.88 -26.69
C HIS D 56 19.27 7.15 -27.33
N SER D 57 19.24 7.18 -28.65
CA SER D 57 18.78 8.36 -29.40
C SER D 57 17.35 8.75 -29.01
N SER D 58 16.52 7.75 -28.79
CA SER D 58 15.10 7.99 -28.55
C SER D 58 14.90 8.79 -27.27
N ALA D 59 15.87 8.75 -26.37
CA ALA D 59 15.72 9.40 -25.07
C ALA D 59 15.93 10.91 -25.15
N ALA D 60 16.59 11.36 -26.21
CA ALA D 60 16.94 12.77 -26.35
C ALA D 60 15.76 13.71 -26.14
N GLN D 61 14.75 13.60 -27.01
CA GLN D 61 13.61 14.50 -26.94
C GLN D 61 12.55 14.03 -25.95
N ALA D 62 12.77 12.85 -25.36
CA ALA D 62 11.73 12.16 -24.60
C ALA D 62 11.19 12.91 -23.38
N LYS D 63 9.88 12.83 -23.20
CA LYS D 63 9.22 13.41 -22.04
C LYS D 63 8.40 12.33 -21.35
N GLY D 64 8.15 12.50 -20.07
CA GLY D 64 7.40 11.52 -19.33
C GLY D 64 6.22 12.13 -18.62
N LEU D 65 5.15 11.35 -18.52
CA LEU D 65 4.04 11.67 -17.63
C LEU D 65 3.97 10.52 -16.66
N ILE D 66 3.70 10.83 -15.40
CA ILE D 66 3.60 9.79 -14.43
C ILE D 66 2.20 9.86 -13.86
N GLN D 67 1.50 8.73 -13.86
CA GLN D 67 0.15 8.71 -13.35
C GLN D 67 0.06 8.01 -12.01
N VAL D 68 -0.50 8.72 -11.04
CA VAL D 68 -0.75 8.17 -9.72
C VAL D 68 -2.21 7.73 -9.59
N GLY D 69 -2.43 6.45 -9.35
CA GLY D 69 -3.78 5.93 -9.21
C GLY D 69 -4.72 6.47 -10.30
N LYS D 70 -5.80 7.12 -9.86
CA LYS D 70 -6.80 7.69 -10.76
C LYS D 70 -6.60 9.19 -11.02
N TRP D 71 -5.50 9.74 -10.53
CA TRP D 71 -5.24 11.19 -10.65
C TRP D 71 -4.90 11.60 -12.10
N ASN D 72 -4.96 12.91 -12.35
CA ASN D 72 -4.43 13.45 -13.60
C ASN D 72 -2.95 13.11 -13.67
N PRO D 73 -2.49 12.66 -14.85
CA PRO D 73 -1.04 12.45 -15.01
C PRO D 73 -0.31 13.77 -14.87
N VAL D 74 0.92 13.73 -14.36
CA VAL D 74 1.73 14.94 -14.28
C VAL D 74 3.10 14.73 -14.90
N PRO D 75 3.67 15.80 -15.46
CA PRO D 75 5.02 15.71 -16.03
C PRO D 75 5.99 15.15 -14.99
N LEU D 76 6.93 14.32 -15.43
CA LEU D 76 7.92 13.74 -14.53
C LEU D 76 8.68 14.84 -13.79
N SER D 77 8.79 16.00 -14.42
CA SER D 77 9.48 17.12 -13.80
C SER D 77 8.81 17.62 -12.51
N TYR D 78 7.54 17.29 -12.31
CA TYR D 78 6.80 17.73 -11.11
C TYR D 78 7.28 16.99 -9.88
N VAL D 79 7.89 15.82 -10.10
CA VAL D 79 8.22 14.92 -8.99
C VAL D 79 9.28 15.49 -8.05
N THR D 80 10.39 15.98 -8.61
CA THR D 80 11.46 16.50 -7.77
C THR D 80 12.31 17.54 -8.49
N ASP D 81 12.82 18.49 -7.72
CA ASP D 81 13.70 19.52 -8.25
C ASP D 81 15.14 19.30 -7.78
N ALA D 82 15.41 18.10 -7.26
CA ALA D 82 16.75 17.76 -6.78
C ALA D 82 17.52 16.98 -7.84
N PRO D 83 18.54 17.59 -8.44
CA PRO D 83 19.31 16.95 -9.51
C PRO D 83 19.87 15.59 -9.10
N ASP D 84 20.13 15.39 -7.81
CA ASP D 84 20.78 14.18 -7.34
C ASP D 84 19.83 13.12 -6.81
N ALA D 85 18.52 13.37 -6.91
CA ALA D 85 17.54 12.37 -6.48
C ALA D 85 17.71 11.09 -7.29
N THR D 86 17.57 9.95 -6.63
CA THR D 86 17.70 8.67 -7.31
C THR D 86 16.32 8.08 -7.60
N VAL D 87 16.31 7.05 -8.44
CA VAL D 87 15.10 6.32 -8.73
C VAL D 87 14.52 5.77 -7.43
N ALA D 88 15.40 5.23 -6.57
CA ALA D 88 14.96 4.71 -5.28
C ALA D 88 14.36 5.81 -4.41
N ASP D 89 15.04 6.95 -4.32
CA ASP D 89 14.51 8.09 -3.56
C ASP D 89 13.04 8.36 -3.90
N MET D 90 12.72 8.38 -5.18
CA MET D 90 11.40 8.81 -5.61
C MET D 90 10.36 7.70 -5.81
N LEU D 91 10.82 6.48 -6.07
CA LEU D 91 9.91 5.41 -6.52
C LEU D 91 9.81 4.18 -5.60
N GLN D 92 10.73 4.04 -4.66
CA GLN D 92 10.76 2.84 -3.84
C GLN D 92 9.42 2.60 -3.13
N ASP D 93 8.82 3.68 -2.66
CA ASP D 93 7.59 3.59 -1.88
C ASP D 93 6.31 3.59 -2.70
N VAL D 94 6.41 3.85 -4.00
CA VAL D 94 5.21 4.04 -4.81
C VAL D 94 5.18 3.32 -6.15
N TYR D 95 6.20 2.51 -6.44
CA TYR D 95 6.26 1.88 -7.75
C TYR D 95 5.04 1.00 -8.04
N HIS D 96 4.32 0.59 -6.99
CA HIS D 96 3.16 -0.28 -7.19
C HIS D 96 1.86 0.49 -7.46
N VAL D 97 1.91 1.82 -7.45
CA VAL D 97 0.71 2.60 -7.72
C VAL D 97 0.89 3.66 -8.80
N VAL D 98 2.05 3.69 -9.43
CA VAL D 98 2.29 4.69 -10.47
C VAL D 98 2.63 4.05 -11.80
N THR D 99 2.25 4.72 -12.88
CA THR D 99 2.59 4.28 -14.22
C THR D 99 3.37 5.39 -14.92
N LEU D 100 4.52 5.04 -15.48
CA LEU D 100 5.31 5.98 -16.27
C LEU D 100 4.91 5.88 -17.74
N LYS D 101 4.43 6.97 -18.31
CA LYS D 101 4.04 6.99 -19.70
C LYS D 101 5.02 7.86 -20.47
N ILE D 102 5.74 7.26 -21.42
CA ILE D 102 6.81 7.94 -22.11
C ILE D 102 6.36 8.46 -23.46
N GLN D 103 6.64 9.73 -23.72
CA GLN D 103 6.28 10.38 -24.96
C GLN D 103 7.55 10.65 -25.77
N LEU D 104 7.61 10.07 -26.97
CA LEU D 104 8.80 10.24 -27.82
C LEU D 104 8.81 11.56 -28.58
#